data_1MU0
#
_entry.id   1MU0
#
_cell.length_a   57.579
_cell.length_b   61.721
_cell.length_c   80.435
_cell.angle_alpha   90.00
_cell.angle_beta   90.00
_cell.angle_gamma   90.00
#
_symmetry.space_group_name_H-M   'P 21 21 21'
#
loop_
_entity.id
_entity.type
_entity.pdbx_description
1 polymer 'Proline iminopeptidase'
2 non-polymer (2R,3S)-3-AMINO-1-CHLORO-4-PHENYL-BUTAN-2-OL
3 water water
#
_entity_poly.entity_id   1
_entity_poly.type   'polypeptide(L)'
_entity_poly.pdbx_seq_one_letter_code
;MDQECIENYAKVNGIYIYYKLCKAPEEKAKLMTMHGGPGMSHDYLLSLRDMTKEGITVLFYDQFGCGRSEEPDQSKFTID
YGVEEAEALRSKLFGNEKVFLMGSSYGGALALAYAVKYQDHLKGLIVSGGLSSVPLTVKEMNRLIDELPAKYRDAIKKYG
SSGSYENPEYQEAVNYFYHQHLLRSEDWPPEVLKSLEYAERRNVYRIMNGPNEFTITGTIKDWDITDKISAIKIPTLITV
GEYDEVTPNVARVIHEKIAGSELHVFRDCSHLTMWEDREGYNKLLSDFILKHL
;
_entity_poly.pdbx_strand_id   A
#
loop_
_chem_comp.id
_chem_comp.type
_chem_comp.name
_chem_comp.formula
PHK non-polymer (2R,3S)-3-AMINO-1-CHLORO-4-PHENYL-BUTAN-2-OL 'C10 H14 Cl N O'
#
# COMPACT_ATOMS: atom_id res chain seq x y z
N MET A 1 22.60 -9.89 11.42
CA MET A 1 21.51 -8.97 11.83
C MET A 1 21.47 -7.77 10.88
N ASP A 2 20.63 -6.78 11.19
CA ASP A 2 20.51 -5.59 10.35
C ASP A 2 21.86 -4.92 10.13
N GLN A 3 22.00 -4.25 8.99
CA GLN A 3 23.25 -3.57 8.65
C GLN A 3 23.02 -2.20 8.02
N GLU A 4 22.00 -1.49 8.51
CA GLU A 4 21.67 -0.16 8.00
C GLU A 4 21.34 -0.21 6.51
N CYS A 5 20.92 0.92 5.94
CA CYS A 5 20.57 0.97 4.53
C CYS A 5 21.25 2.14 3.81
N ILE A 6 21.31 2.06 2.48
CA ILE A 6 21.92 3.11 1.68
C ILE A 6 20.84 4.07 1.20
N GLU A 7 20.82 5.27 1.79
CA GLU A 7 19.84 6.29 1.44
C GLU A 7 20.35 7.23 0.34
N ASN A 8 19.46 7.62 -0.57
CA ASN A 8 19.84 8.52 -1.66
C ASN A 8 18.65 9.38 -2.08
N TYR A 9 18.92 10.36 -2.96
CA TYR A 9 17.89 11.27 -3.45
C TYR A 9 18.16 11.46 -4.95
N ALA A 10 17.94 10.40 -5.72
CA ALA A 10 18.18 10.41 -7.16
C ALA A 10 17.09 10.97 -8.05
N LYS A 11 17.47 11.31 -9.26
CA LYS A 11 16.58 11.88 -10.27
C LYS A 11 15.99 10.77 -11.15
N VAL A 12 14.70 10.51 -11.00
CA VAL A 12 14.05 9.49 -11.81
C VAL A 12 13.70 10.09 -13.16
N ASN A 13 12.60 9.63 -13.75
CA ASN A 13 12.21 10.18 -15.05
C ASN A 13 11.59 11.56 -14.91
N GLY A 14 12.42 12.54 -14.55
CA GLY A 14 11.94 13.90 -14.42
C GLY A 14 11.96 14.55 -13.03
N ILE A 15 11.71 13.78 -11.98
CA ILE A 15 11.70 14.36 -10.65
C ILE A 15 12.64 13.68 -9.67
N TYR A 16 12.91 14.37 -8.56
CA TYR A 16 13.79 13.84 -7.53
C TYR A 16 13.01 12.99 -6.54
N ILE A 17 13.37 11.71 -6.49
CA ILE A 17 12.72 10.77 -5.59
C ILE A 17 13.67 10.28 -4.52
N TYR A 18 13.14 10.02 -3.34
CA TYR A 18 13.93 9.52 -2.22
C TYR A 18 13.80 8.02 -2.12
N TYR A 19 14.92 7.33 -1.88
CA TYR A 19 14.87 5.89 -1.72
C TYR A 19 15.86 5.40 -0.68
N LYS A 20 15.56 4.23 -0.12
CA LYS A 20 16.39 3.62 0.91
C LYS A 20 16.48 2.12 0.64
N LEU A 21 17.64 1.68 0.15
CA LEU A 21 17.85 0.27 -0.17
C LEU A 21 18.66 -0.43 0.91
N CYS A 22 18.25 -1.65 1.26
CA CYS A 22 18.94 -2.44 2.26
C CYS A 22 19.17 -3.82 1.65
N LYS A 23 20.44 -4.17 1.39
CA LYS A 23 20.75 -5.44 0.76
C LYS A 23 21.76 -6.31 1.51
N ALA A 24 21.78 -7.61 1.18
CA ALA A 24 22.68 -8.58 1.80
C ALA A 24 22.39 -8.69 3.30
N PRO A 25 23.01 -9.66 3.99
CA PRO A 25 23.96 -10.69 3.53
C PRO A 25 23.31 -11.85 2.77
N GLU A 26 24.10 -12.53 1.94
CA GLU A 26 23.62 -13.67 1.15
C GLU A 26 22.36 -13.30 0.37
N GLU A 27 22.40 -12.19 -0.36
CA GLU A 27 21.24 -11.77 -1.13
C GLU A 27 20.78 -12.88 -2.07
N LYS A 28 19.48 -13.13 -2.07
CA LYS A 28 18.91 -14.16 -2.94
C LYS A 28 17.95 -13.50 -3.92
N ALA A 29 17.19 -12.52 -3.43
CA ALA A 29 16.22 -11.82 -4.25
C ALA A 29 16.08 -10.35 -3.85
N LYS A 30 15.71 -9.53 -4.82
CA LYS A 30 15.52 -8.10 -4.60
C LYS A 30 14.01 -7.82 -4.57
N LEU A 31 13.59 -6.91 -3.69
CA LEU A 31 12.18 -6.59 -3.56
C LEU A 31 11.90 -5.08 -3.45
N MET A 32 10.98 -4.60 -4.28
CA MET A 32 10.58 -3.20 -4.27
C MET A 32 9.27 -3.08 -3.52
N THR A 33 9.11 -2.01 -2.74
CA THR A 33 7.88 -1.80 -1.99
C THR A 33 7.20 -0.49 -2.35
N MET A 34 5.87 -0.52 -2.36
CA MET A 34 5.08 0.66 -2.69
C MET A 34 4.11 0.95 -1.55
N HIS A 35 4.29 2.09 -0.89
CA HIS A 35 3.41 2.46 0.22
C HIS A 35 2.01 2.78 -0.29
N GLY A 36 1.06 2.93 0.63
CA GLY A 36 -0.30 3.23 0.25
C GLY A 36 -0.62 4.71 0.15
N GLY A 37 -1.76 5.11 0.69
CA GLY A 37 -2.17 6.50 0.62
C GLY A 37 -3.36 6.64 -0.30
N PRO A 38 -3.21 7.30 -1.47
CA PRO A 38 -2.00 7.95 -1.98
C PRO A 38 -1.53 9.09 -1.07
N GLY A 39 -0.25 9.46 -1.17
CA GLY A 39 0.25 10.54 -0.36
C GLY A 39 0.71 10.17 1.04
N MET A 40 1.52 9.12 1.14
CA MET A 40 2.06 8.68 2.42
C MET A 40 3.56 8.49 2.25
N SER A 41 4.12 7.44 2.85
CA SER A 41 5.56 7.21 2.75
C SER A 41 5.98 5.79 3.09
N HIS A 42 7.21 5.46 2.69
CA HIS A 42 7.79 4.14 2.94
C HIS A 42 7.85 3.84 4.44
N ASP A 43 7.94 4.90 5.23
CA ASP A 43 8.03 4.79 6.68
C ASP A 43 7.24 3.67 7.35
N TYR A 44 5.93 3.64 7.17
CA TYR A 44 5.11 2.64 7.82
C TYR A 44 5.31 1.20 7.34
N LEU A 45 6.14 1.02 6.32
CA LEU A 45 6.41 -0.32 5.79
C LEU A 45 7.81 -0.79 6.20
N LEU A 46 8.47 -0.01 7.06
CA LEU A 46 9.82 -0.32 7.52
C LEU A 46 9.94 -1.59 8.35
N SER A 47 8.82 -2.26 8.61
CA SER A 47 8.85 -3.49 9.38
C SER A 47 9.32 -4.62 8.45
N LEU A 48 9.06 -4.44 7.16
CA LEU A 48 9.45 -5.40 6.14
C LEU A 48 10.96 -5.44 6.03
N ARG A 49 11.62 -4.53 6.75
CA ARG A 49 13.08 -4.42 6.74
C ARG A 49 13.74 -5.67 7.33
N ASP A 50 13.01 -6.40 8.16
CA ASP A 50 13.52 -7.61 8.80
C ASP A 50 13.80 -8.74 7.82
N MET A 51 13.26 -8.65 6.62
CA MET A 51 13.46 -9.69 5.62
C MET A 51 14.87 -9.76 5.04
N THR A 52 15.72 -8.80 5.39
CA THR A 52 17.09 -8.80 4.88
C THR A 52 17.91 -9.94 5.47
N LYS A 53 17.58 -10.36 6.69
CA LYS A 53 18.30 -11.44 7.34
C LYS A 53 17.78 -12.76 6.80
N GLU A 54 16.79 -12.67 5.91
CA GLU A 54 16.22 -13.85 5.28
C GLU A 54 16.64 -13.83 3.81
N GLY A 55 17.67 -13.03 3.51
CA GLY A 55 18.19 -12.95 2.17
C GLY A 55 17.36 -12.09 1.21
N ILE A 56 16.53 -11.22 1.77
CA ILE A 56 15.69 -10.36 0.94
C ILE A 56 16.09 -8.90 1.02
N THR A 57 16.39 -8.31 -0.13
CA THR A 57 16.77 -6.92 -0.22
C THR A 57 15.48 -6.14 -0.43
N VAL A 58 15.31 -5.03 0.29
CA VAL A 58 14.11 -4.24 0.15
C VAL A 58 14.37 -2.80 -0.28
N LEU A 59 13.55 -2.33 -1.22
CA LEU A 59 13.68 -0.97 -1.74
C LEU A 59 12.52 -0.09 -1.28
N PHE A 60 12.76 0.72 -0.26
CA PHE A 60 11.74 1.63 0.25
C PHE A 60 11.89 2.97 -0.45
N TYR A 61 10.84 3.49 -1.06
CA TYR A 61 10.94 4.79 -1.72
C TYR A 61 9.64 5.58 -1.69
N ASP A 62 9.75 6.87 -1.43
CA ASP A 62 8.58 7.74 -1.39
C ASP A 62 8.19 8.11 -2.82
N GLN A 63 6.94 7.84 -3.18
CA GLN A 63 6.45 8.14 -4.52
C GLN A 63 6.33 9.64 -4.75
N PHE A 64 5.89 10.02 -5.94
CA PHE A 64 5.75 11.43 -6.28
C PHE A 64 4.89 12.23 -5.31
N GLY A 65 5.38 13.41 -4.94
CA GLY A 65 4.66 14.26 -4.01
C GLY A 65 4.53 13.67 -2.62
N CYS A 66 5.20 12.54 -2.39
CA CYS A 66 5.14 11.87 -1.09
C CYS A 66 6.41 11.96 -0.27
N GLY A 67 6.24 11.84 1.05
CA GLY A 67 7.35 11.88 1.98
C GLY A 67 8.42 12.92 1.72
N ARG A 68 9.58 12.46 1.28
CA ARG A 68 10.72 13.32 1.04
C ARG A 68 10.99 13.58 -0.45
N SER A 69 10.04 13.19 -1.30
CA SER A 69 10.19 13.37 -2.74
C SER A 69 9.42 14.61 -3.21
N GLU A 70 9.91 15.26 -4.25
CA GLU A 70 9.25 16.46 -4.75
C GLU A 70 7.92 16.18 -5.43
N GLU A 71 6.98 17.10 -5.24
CA GLU A 71 5.65 16.99 -5.83
C GLU A 71 5.69 17.45 -7.29
N PRO A 72 5.22 16.59 -8.20
CA PRO A 72 5.22 16.96 -9.62
C PRO A 72 4.00 17.79 -9.97
N ASP A 73 3.81 18.01 -11.27
CA ASP A 73 2.67 18.77 -11.75
C ASP A 73 1.39 18.06 -11.34
N GLN A 74 0.38 18.83 -10.94
CA GLN A 74 -0.91 18.30 -10.50
C GLN A 74 -1.50 17.23 -11.43
N SER A 75 -1.23 17.35 -12.73
CA SER A 75 -1.76 16.39 -13.70
C SER A 75 -1.12 15.02 -13.57
N LYS A 76 0.08 14.98 -13.02
CA LYS A 76 0.81 13.73 -12.84
C LYS A 76 0.37 12.98 -11.59
N PHE A 77 -0.80 13.32 -11.08
CA PHE A 77 -1.34 12.64 -9.89
C PHE A 77 -2.23 11.50 -10.33
N THR A 78 -1.62 10.53 -11.01
CA THR A 78 -2.34 9.36 -11.50
C THR A 78 -1.55 8.09 -11.17
N ILE A 79 -2.20 6.94 -11.29
CA ILE A 79 -1.55 5.66 -11.02
C ILE A 79 -0.67 5.21 -12.19
N ASP A 80 -1.01 5.68 -13.39
CA ASP A 80 -0.24 5.36 -14.59
C ASP A 80 1.13 6.01 -14.53
N TYR A 81 1.22 7.12 -13.80
CA TYR A 81 2.47 7.85 -13.66
C TYR A 81 3.35 7.16 -12.62
N GLY A 82 2.72 6.56 -11.61
CA GLY A 82 3.47 5.87 -10.58
C GLY A 82 4.17 4.66 -11.17
N VAL A 83 3.50 4.03 -12.13
CA VAL A 83 4.03 2.85 -12.80
C VAL A 83 5.27 3.21 -13.62
N GLU A 84 5.24 4.37 -14.26
CA GLU A 84 6.35 4.83 -15.05
C GLU A 84 7.51 5.17 -14.13
N GLU A 85 7.17 5.62 -12.93
CA GLU A 85 8.16 6.00 -11.93
C GLU A 85 8.82 4.75 -11.38
N ALA A 86 8.02 3.73 -11.08
CA ALA A 86 8.53 2.48 -10.54
C ALA A 86 9.50 1.80 -11.51
N GLU A 87 9.08 1.65 -12.76
CA GLU A 87 9.91 1.01 -13.78
C GLU A 87 11.22 1.78 -13.99
N ALA A 88 11.14 3.10 -14.01
CA ALA A 88 12.33 3.93 -14.20
C ALA A 88 13.31 3.71 -13.05
N LEU A 89 12.79 3.57 -11.84
CA LEU A 89 13.62 3.36 -10.66
C LEU A 89 14.28 1.98 -10.68
N ARG A 90 13.47 0.95 -10.89
CA ARG A 90 13.96 -0.42 -10.94
C ARG A 90 15.09 -0.58 -11.97
N SER A 91 14.93 0.09 -13.10
CA SER A 91 15.91 0.00 -14.17
C SER A 91 17.19 0.80 -13.91
N LYS A 92 17.05 2.10 -13.69
CA LYS A 92 18.20 2.95 -13.44
C LYS A 92 18.82 2.68 -12.08
N LEU A 93 18.57 1.48 -11.55
CA LEU A 93 19.09 1.10 -10.24
C LEU A 93 19.51 -0.38 -10.25
N PHE A 94 18.62 -1.24 -10.70
CA PHE A 94 18.88 -2.67 -10.75
C PHE A 94 19.21 -3.14 -12.16
N GLY A 95 19.08 -2.24 -13.13
CA GLY A 95 19.38 -2.61 -14.51
C GLY A 95 18.24 -3.36 -15.16
N ASN A 96 18.49 -4.60 -15.57
CA ASN A 96 17.47 -5.42 -16.22
C ASN A 96 17.11 -6.66 -15.41
N GLU A 97 17.38 -6.63 -14.11
CA GLU A 97 17.09 -7.77 -13.24
C GLU A 97 15.58 -7.93 -12.99
N LYS A 98 15.18 -9.15 -12.66
CA LYS A 98 13.79 -9.43 -12.37
C LYS A 98 13.60 -9.27 -10.87
N VAL A 99 12.81 -8.29 -10.48
CA VAL A 99 12.58 -8.01 -9.06
C VAL A 99 11.17 -8.35 -8.59
N PHE A 100 11.04 -8.66 -7.31
CA PHE A 100 9.75 -8.97 -6.72
C PHE A 100 9.10 -7.64 -6.33
N LEU A 101 7.81 -7.51 -6.63
CA LEU A 101 7.08 -6.28 -6.33
C LEU A 101 6.15 -6.46 -5.14
N MET A 102 6.16 -5.51 -4.21
CA MET A 102 5.30 -5.56 -3.03
C MET A 102 4.54 -4.26 -2.88
N GLY A 103 3.21 -4.33 -2.97
CA GLY A 103 2.40 -3.13 -2.84
C GLY A 103 1.46 -3.22 -1.66
N SER A 104 1.34 -2.13 -0.91
CA SER A 104 0.47 -2.10 0.25
C SER A 104 -0.64 -1.06 0.09
N SER A 105 -1.89 -1.48 0.23
CA SER A 105 -3.02 -0.59 0.09
C SER A 105 -3.02 0.01 -1.33
N TYR A 106 -2.97 1.34 -1.42
CA TYR A 106 -2.93 1.98 -2.72
C TYR A 106 -1.73 1.48 -3.50
N GLY A 107 -0.66 1.18 -2.77
CA GLY A 107 0.54 0.66 -3.40
C GLY A 107 0.24 -0.70 -4.02
N GLY A 108 -0.64 -1.44 -3.37
CA GLY A 108 -1.01 -2.75 -3.88
C GLY A 108 -1.70 -2.56 -5.22
N ALA A 109 -2.65 -1.63 -5.26
CA ALA A 109 -3.40 -1.35 -6.49
C ALA A 109 -2.40 -0.92 -7.56
N LEU A 110 -1.46 -0.06 -7.16
CA LEU A 110 -0.43 0.44 -8.05
C LEU A 110 0.41 -0.74 -8.50
N ALA A 111 0.76 -1.61 -7.55
CA ALA A 111 1.56 -2.78 -7.84
C ALA A 111 0.89 -3.59 -8.95
N LEU A 112 -0.44 -3.65 -8.90
CA LEU A 112 -1.22 -4.39 -9.90
C LEU A 112 -1.12 -3.69 -11.25
N ALA A 113 -1.38 -2.39 -11.24
CA ALA A 113 -1.31 -1.60 -12.47
C ALA A 113 0.06 -1.80 -13.10
N TYR A 114 1.06 -2.01 -12.25
CA TYR A 114 2.43 -2.22 -12.72
C TYR A 114 2.52 -3.53 -13.50
N ALA A 115 2.14 -4.62 -12.84
CA ALA A 115 2.17 -5.94 -13.45
C ALA A 115 1.43 -5.98 -14.79
N VAL A 116 0.33 -5.24 -14.87
CA VAL A 116 -0.46 -5.21 -16.11
C VAL A 116 0.38 -4.77 -17.30
N LYS A 117 1.41 -3.97 -17.03
CA LYS A 117 2.28 -3.46 -18.09
C LYS A 117 3.70 -4.03 -18.05
N TYR A 118 4.34 -4.02 -16.89
CA TYR A 118 5.71 -4.51 -16.77
C TYR A 118 5.89 -5.80 -15.97
N GLN A 119 4.91 -6.70 -16.01
CA GLN A 119 5.04 -7.93 -15.25
C GLN A 119 6.26 -8.77 -15.63
N ASP A 120 6.67 -8.68 -16.89
CA ASP A 120 7.82 -9.44 -17.38
C ASP A 120 9.12 -9.05 -16.68
N HIS A 121 9.12 -7.90 -15.99
CA HIS A 121 10.29 -7.43 -15.27
C HIS A 121 10.23 -7.94 -13.83
N LEU A 122 9.09 -8.50 -13.46
CA LEU A 122 8.88 -9.02 -12.11
C LEU A 122 9.04 -10.53 -12.02
N LYS A 123 9.52 -10.98 -10.86
CA LYS A 123 9.71 -12.40 -10.62
C LYS A 123 8.57 -12.88 -9.72
N GLY A 124 7.90 -11.92 -9.10
CA GLY A 124 6.78 -12.23 -8.21
C GLY A 124 6.06 -10.97 -7.77
N LEU A 125 4.78 -11.10 -7.41
CA LEU A 125 3.99 -9.95 -6.97
C LEU A 125 3.28 -10.19 -5.65
N ILE A 126 3.30 -9.18 -4.79
CA ILE A 126 2.65 -9.27 -3.48
C ILE A 126 1.70 -8.10 -3.27
N VAL A 127 0.41 -8.41 -3.19
CA VAL A 127 -0.61 -7.38 -3.01
C VAL A 127 -1.23 -7.57 -1.63
N SER A 128 -0.95 -6.64 -0.73
CA SER A 128 -1.45 -6.71 0.64
C SER A 128 -2.45 -5.61 0.96
N GLY A 129 -3.68 -6.01 1.26
CA GLY A 129 -4.72 -5.04 1.59
C GLY A 129 -4.98 -4.11 0.41
N GLY A 130 -4.63 -4.57 -0.78
CA GLY A 130 -4.84 -3.75 -1.96
C GLY A 130 -6.22 -3.90 -2.56
N LEU A 131 -6.39 -3.31 -3.75
CA LEU A 131 -7.65 -3.35 -4.46
C LEU A 131 -7.42 -3.15 -5.95
N SER A 132 -8.38 -3.60 -6.75
CA SER A 132 -8.31 -3.46 -8.20
C SER A 132 -9.44 -2.53 -8.64
N SER A 133 -10.35 -2.26 -7.71
CA SER A 133 -11.49 -1.39 -7.96
C SER A 133 -11.79 -0.53 -6.75
N VAL A 134 -11.79 0.79 -6.94
CA VAL A 134 -12.07 1.69 -5.85
C VAL A 134 -13.57 1.65 -5.50
N PRO A 135 -14.44 1.76 -6.51
CA PRO A 135 -15.88 1.71 -6.23
C PRO A 135 -16.26 0.49 -5.39
N LEU A 136 -15.58 -0.63 -5.64
CA LEU A 136 -15.83 -1.86 -4.90
C LEU A 136 -15.44 -1.70 -3.44
N THR A 137 -14.21 -1.25 -3.22
CA THR A 137 -13.70 -1.03 -1.88
C THR A 137 -14.57 -0.03 -1.14
N VAL A 138 -15.08 0.95 -1.86
CA VAL A 138 -15.94 1.97 -1.28
C VAL A 138 -17.23 1.31 -0.78
N LYS A 139 -17.81 0.48 -1.64
CA LYS A 139 -19.04 -0.22 -1.29
C LYS A 139 -18.83 -1.08 -0.04
N GLU A 140 -17.67 -1.73 0.02
CA GLU A 140 -17.33 -2.58 1.16
C GLU A 140 -17.14 -1.77 2.44
N MET A 141 -16.47 -0.63 2.35
CA MET A 141 -16.25 0.19 3.54
C MET A 141 -17.55 0.75 4.12
N ASN A 142 -18.49 1.10 3.25
CA ASN A 142 -19.77 1.64 3.71
C ASN A 142 -20.45 0.68 4.66
N ARG A 143 -20.36 -0.61 4.36
CA ARG A 143 -20.96 -1.64 5.20
C ARG A 143 -20.33 -1.55 6.59
N LEU A 144 -19.00 -1.42 6.61
CA LEU A 144 -18.26 -1.33 7.86
C LEU A 144 -18.77 -0.13 8.65
N ILE A 145 -19.10 0.95 7.94
CA ILE A 145 -19.61 2.15 8.58
C ILE A 145 -20.92 1.85 9.28
N ASP A 146 -21.78 1.09 8.61
CA ASP A 146 -23.08 0.74 9.16
C ASP A 146 -22.93 -0.28 10.28
N GLU A 147 -21.82 -1.02 10.27
CA GLU A 147 -21.59 -2.04 11.31
C GLU A 147 -21.04 -1.42 12.59
N LEU A 148 -20.60 -0.17 12.49
CA LEU A 148 -20.08 0.55 13.64
C LEU A 148 -21.24 1.01 14.51
N PRO A 149 -21.02 1.08 15.83
CA PRO A 149 -22.11 1.52 16.73
C PRO A 149 -22.63 2.91 16.37
N ALA A 150 -23.93 3.10 16.51
CA ALA A 150 -24.60 4.37 16.19
C ALA A 150 -23.84 5.61 16.68
N LYS A 151 -23.23 5.50 17.86
CA LYS A 151 -22.48 6.62 18.43
C LYS A 151 -21.50 7.21 17.42
N TYR A 152 -20.93 6.36 16.58
CA TYR A 152 -19.99 6.81 15.58
C TYR A 152 -20.55 6.71 14.17
N ARG A 153 -21.34 5.68 13.91
CA ARG A 153 -21.94 5.48 12.60
C ARG A 153 -22.72 6.72 12.15
N ASP A 154 -23.51 7.27 13.05
CA ASP A 154 -24.31 8.45 12.75
C ASP A 154 -23.41 9.65 12.51
N ALA A 155 -22.42 9.82 13.38
CA ALA A 155 -21.48 10.94 13.29
C ALA A 155 -20.78 10.96 11.93
N ILE A 156 -20.51 9.77 11.38
CA ILE A 156 -19.86 9.66 10.09
C ILE A 156 -20.78 10.01 8.93
N LYS A 157 -22.08 9.73 9.10
CA LYS A 157 -23.06 10.02 8.05
C LYS A 157 -23.65 11.43 8.18
N LYS A 158 -23.33 12.10 9.29
CA LYS A 158 -23.84 13.45 9.52
C LYS A 158 -22.80 14.51 9.21
N TYR A 159 -21.76 14.57 10.04
CA TYR A 159 -20.70 15.54 9.85
C TYR A 159 -19.92 15.27 8.57
N GLY A 160 -19.91 14.01 8.14
CA GLY A 160 -19.22 13.67 6.91
C GLY A 160 -20.09 13.98 5.71
N SER A 161 -21.30 14.43 5.99
CA SER A 161 -22.27 14.78 4.95
C SER A 161 -22.42 16.28 4.78
N SER A 162 -21.93 17.04 5.77
CA SER A 162 -22.01 18.49 5.74
C SER A 162 -20.63 19.14 5.64
N GLY A 163 -19.61 18.31 5.39
CA GLY A 163 -18.26 18.83 5.27
C GLY A 163 -17.69 19.30 6.59
N SER A 164 -18.17 18.73 7.68
CA SER A 164 -17.70 19.10 9.01
C SER A 164 -16.73 18.05 9.54
N TYR A 165 -15.58 17.93 8.87
CA TYR A 165 -14.57 16.97 9.26
C TYR A 165 -13.80 17.44 10.50
N GLU A 166 -13.77 18.75 10.71
CA GLU A 166 -13.06 19.32 11.86
C GLU A 166 -13.82 19.08 13.17
N ASN A 167 -14.99 18.46 13.06
CA ASN A 167 -15.82 18.17 14.22
C ASN A 167 -15.16 17.09 15.08
N PRO A 168 -15.11 17.30 16.41
CA PRO A 168 -14.50 16.34 17.34
C PRO A 168 -15.21 14.98 17.37
N GLU A 169 -16.54 15.00 17.32
CA GLU A 169 -17.32 13.75 17.33
C GLU A 169 -16.99 12.93 16.09
N TYR A 170 -16.95 13.60 14.94
CA TYR A 170 -16.63 12.94 13.68
C TYR A 170 -15.21 12.39 13.73
N GLN A 171 -14.29 13.25 14.13
CA GLN A 171 -12.88 12.88 14.24
C GLN A 171 -12.74 11.74 15.24
N GLU A 172 -13.72 11.63 16.13
CA GLU A 172 -13.73 10.59 17.15
C GLU A 172 -14.12 9.28 16.50
N ALA A 173 -15.02 9.36 15.52
CA ALA A 173 -15.50 8.20 14.80
C ALA A 173 -14.44 7.72 13.81
N VAL A 174 -13.71 8.66 13.22
CA VAL A 174 -12.66 8.33 12.27
C VAL A 174 -11.59 7.51 13.02
N ASN A 175 -11.30 7.93 14.25
CA ASN A 175 -10.30 7.25 15.06
C ASN A 175 -10.74 5.82 15.39
N TYR A 176 -11.99 5.69 15.83
CA TYR A 176 -12.52 4.37 16.16
C TYR A 176 -12.40 3.46 14.94
N PHE A 177 -12.66 4.02 13.76
CA PHE A 177 -12.59 3.27 12.52
C PHE A 177 -11.15 2.81 12.26
N TYR A 178 -10.19 3.73 12.44
CA TYR A 178 -8.79 3.42 12.24
C TYR A 178 -8.24 2.37 13.21
N HIS A 179 -8.68 2.42 14.46
CA HIS A 179 -8.22 1.47 15.48
C HIS A 179 -8.94 0.13 15.33
N GLN A 180 -9.82 0.07 14.33
CA GLN A 180 -10.58 -1.15 14.08
C GLN A 180 -10.29 -1.76 12.71
N HIS A 181 -10.17 -0.91 11.70
CA HIS A 181 -9.92 -1.40 10.34
C HIS A 181 -8.62 -0.97 9.67
N LEU A 182 -7.92 0.01 10.25
CA LEU A 182 -6.66 0.47 9.68
C LEU A 182 -5.48 -0.18 10.38
N LEU A 183 -5.50 -0.16 11.71
CA LEU A 183 -4.45 -0.76 12.52
C LEU A 183 -5.04 -1.06 13.89
N ARG A 184 -4.98 -2.33 14.28
CA ARG A 184 -5.53 -2.74 15.57
C ARG A 184 -4.47 -2.67 16.67
N SER A 185 -4.38 -1.51 17.31
CA SER A 185 -3.41 -1.32 18.37
C SER A 185 -3.62 -0.02 19.13
N GLU A 186 -3.03 0.06 20.32
CA GLU A 186 -3.14 1.25 21.15
C GLU A 186 -1.81 1.98 21.19
N ASP A 187 -0.75 1.26 20.83
CA ASP A 187 0.60 1.80 20.83
C ASP A 187 1.16 1.85 19.40
N TRP A 188 0.51 2.63 18.55
CA TRP A 188 0.91 2.78 17.15
C TRP A 188 2.39 3.11 16.98
N PRO A 189 3.07 2.42 16.06
CA PRO A 189 4.49 2.65 15.80
C PRO A 189 4.78 4.01 15.17
N PRO A 190 5.96 4.57 15.45
CA PRO A 190 6.34 5.87 14.89
C PRO A 190 6.33 5.89 13.36
N GLU A 191 6.78 4.81 12.75
CA GLU A 191 6.83 4.70 11.30
C GLU A 191 5.48 5.02 10.68
N VAL A 192 4.42 4.48 11.27
CA VAL A 192 3.07 4.72 10.76
C VAL A 192 2.71 6.18 10.93
N LEU A 193 2.87 6.67 12.17
CA LEU A 193 2.57 8.05 12.50
C LEU A 193 3.26 9.04 11.58
N LYS A 194 4.46 8.69 11.12
CA LYS A 194 5.21 9.57 10.23
C LYS A 194 4.59 9.58 8.84
N SER A 195 4.17 8.41 8.37
CA SER A 195 3.54 8.29 7.06
C SER A 195 2.19 9.00 7.09
N LEU A 196 1.50 8.90 8.23
CA LEU A 196 0.21 9.56 8.40
C LEU A 196 0.46 11.06 8.41
N GLU A 197 1.50 11.46 9.13
CA GLU A 197 1.87 12.87 9.22
C GLU A 197 2.15 13.40 7.82
N TYR A 198 2.88 12.62 7.03
CA TYR A 198 3.22 12.99 5.66
C TYR A 198 1.99 13.13 4.79
N ALA A 199 0.92 12.42 5.15
CA ALA A 199 -0.32 12.46 4.38
C ALA A 199 -1.07 13.77 4.58
N GLU A 200 -0.96 14.34 5.78
CA GLU A 200 -1.63 15.58 6.12
C GLU A 200 -0.82 16.82 5.70
N ARG A 201 0.47 16.65 5.44
CA ARG A 201 1.33 17.76 5.07
C ARG A 201 1.52 17.95 3.56
N ARG A 202 1.38 16.89 2.79
CA ARG A 202 1.54 16.99 1.35
C ARG A 202 0.19 17.27 0.71
N ASN A 203 0.06 17.05 -0.60
CA ASN A 203 -1.19 17.30 -1.29
C ASN A 203 -1.75 16.09 -2.00
N VAL A 204 -0.92 15.06 -2.18
CA VAL A 204 -1.36 13.85 -2.86
C VAL A 204 -2.60 13.21 -2.22
N TYR A 205 -2.50 12.88 -0.93
CA TYR A 205 -3.62 12.26 -0.22
C TYR A 205 -4.90 13.07 -0.36
N ARG A 206 -4.75 14.39 -0.41
CA ARG A 206 -5.88 15.30 -0.53
C ARG A 206 -6.52 15.24 -1.91
N ILE A 207 -5.69 15.39 -2.95
CA ILE A 207 -6.15 15.41 -4.33
C ILE A 207 -6.48 14.06 -4.96
N MET A 208 -5.92 12.97 -4.43
CA MET A 208 -6.21 11.66 -5.00
C MET A 208 -7.14 10.83 -4.12
N ASN A 209 -6.92 10.85 -2.81
CA ASN A 209 -7.74 10.08 -1.88
C ASN A 209 -8.96 10.86 -1.40
N GLY A 210 -8.73 11.77 -0.45
CA GLY A 210 -9.81 12.56 0.10
C GLY A 210 -9.56 12.89 1.56
N PRO A 211 -10.58 13.36 2.29
CA PRO A 211 -10.46 13.72 3.71
C PRO A 211 -9.90 12.61 4.59
N ASN A 212 -10.36 11.39 4.39
CA ASN A 212 -9.86 10.26 5.18
C ASN A 212 -9.97 8.94 4.42
N GLU A 213 -9.66 7.85 5.11
CA GLU A 213 -9.70 6.51 4.51
C GLU A 213 -11.07 6.07 4.01
N PHE A 214 -12.13 6.44 4.72
CA PHE A 214 -13.47 6.03 4.31
C PHE A 214 -14.30 7.13 3.62
N THR A 215 -13.66 8.22 3.27
CA THR A 215 -14.35 9.31 2.60
C THR A 215 -13.55 9.71 1.37
N ILE A 216 -13.53 8.83 0.37
CA ILE A 216 -12.78 9.10 -0.86
C ILE A 216 -13.55 9.94 -1.87
N THR A 217 -13.03 11.13 -2.14
CA THR A 217 -13.63 12.07 -3.08
C THR A 217 -12.54 12.59 -4.01
N GLY A 218 -11.38 11.94 -3.96
CA GLY A 218 -10.25 12.34 -4.79
C GLY A 218 -10.42 12.05 -6.26
N THR A 219 -9.32 11.75 -6.94
CA THR A 219 -9.34 11.47 -8.38
C THR A 219 -9.30 9.98 -8.73
N ILE A 220 -9.47 9.12 -7.74
CA ILE A 220 -9.45 7.68 -8.01
C ILE A 220 -10.78 7.03 -7.65
N LYS A 221 -11.75 7.83 -7.23
CA LYS A 221 -13.06 7.34 -6.85
C LYS A 221 -13.73 6.45 -7.91
N ASP A 222 -13.26 6.54 -9.14
CA ASP A 222 -13.84 5.74 -10.23
C ASP A 222 -12.85 4.73 -10.82
N TRP A 223 -11.62 4.74 -10.32
CA TRP A 223 -10.60 3.82 -10.81
C TRP A 223 -11.04 2.38 -10.63
N ASP A 224 -10.78 1.53 -11.62
CA ASP A 224 -11.17 0.13 -11.58
C ASP A 224 -10.56 -0.62 -12.76
N ILE A 225 -9.67 -1.57 -12.47
CA ILE A 225 -9.02 -2.34 -13.52
C ILE A 225 -9.20 -3.85 -13.38
N THR A 226 -10.30 -4.25 -12.75
CA THR A 226 -10.60 -5.65 -12.55
C THR A 226 -10.52 -6.45 -13.84
N ASP A 227 -11.06 -5.87 -14.91
CA ASP A 227 -11.07 -6.51 -16.22
C ASP A 227 -9.73 -6.40 -16.91
N LYS A 228 -8.66 -6.27 -16.14
CA LYS A 228 -7.32 -6.15 -16.70
C LYS A 228 -6.34 -7.05 -15.95
N ILE A 229 -6.49 -7.11 -14.62
CA ILE A 229 -5.61 -7.90 -13.77
C ILE A 229 -5.62 -9.39 -14.04
N SER A 230 -6.57 -9.85 -14.85
CA SER A 230 -6.66 -11.27 -15.18
C SER A 230 -5.48 -11.69 -16.04
N ALA A 231 -4.85 -10.72 -16.70
CA ALA A 231 -3.72 -10.96 -17.59
C ALA A 231 -2.39 -11.19 -16.86
N ILE A 232 -2.39 -11.10 -15.54
CA ILE A 232 -1.17 -11.32 -14.77
C ILE A 232 -0.94 -12.82 -14.58
N LYS A 233 0.24 -13.29 -15.00
CA LYS A 233 0.57 -14.72 -14.90
C LYS A 233 1.72 -15.06 -13.96
N ILE A 234 2.31 -14.07 -13.32
CA ILE A 234 3.42 -14.32 -12.39
C ILE A 234 2.90 -14.75 -11.02
N PRO A 235 3.77 -15.36 -10.20
CA PRO A 235 3.35 -15.79 -8.86
C PRO A 235 2.83 -14.59 -8.08
N THR A 236 1.64 -14.72 -7.52
CA THR A 236 1.05 -13.63 -6.75
C THR A 236 0.60 -14.05 -5.36
N LEU A 237 1.07 -13.34 -4.35
CA LEU A 237 0.71 -13.60 -2.97
C LEU A 237 -0.19 -12.46 -2.52
N ILE A 238 -1.48 -12.74 -2.40
CA ILE A 238 -2.44 -11.71 -1.98
C ILE A 238 -2.83 -11.91 -0.53
N THR A 239 -2.48 -10.94 0.30
CA THR A 239 -2.79 -10.99 1.73
C THR A 239 -3.79 -9.91 2.08
N VAL A 240 -4.52 -10.11 3.17
CA VAL A 240 -5.52 -9.16 3.61
C VAL A 240 -5.91 -9.53 5.04
N GLY A 241 -6.28 -8.53 5.83
CA GLY A 241 -6.67 -8.79 7.21
C GLY A 241 -8.12 -9.20 7.35
N GLU A 242 -8.50 -9.55 8.58
CA GLU A 242 -9.87 -9.97 8.89
C GLU A 242 -10.78 -8.74 9.05
N TYR A 243 -10.25 -7.71 9.69
CA TYR A 243 -10.99 -6.48 9.91
C TYR A 243 -10.44 -5.39 9.00
N ASP A 244 -9.75 -5.82 7.96
CA ASP A 244 -9.14 -4.93 6.99
C ASP A 244 -10.12 -3.95 6.33
N GLU A 245 -9.81 -2.66 6.41
CA GLU A 245 -10.67 -1.62 5.82
C GLU A 245 -10.95 -1.97 4.36
N VAL A 246 -10.01 -2.63 3.72
CA VAL A 246 -10.18 -3.06 2.34
C VAL A 246 -10.41 -4.56 2.46
N THR A 247 -11.64 -4.90 2.81
CA THR A 247 -12.11 -6.26 3.03
C THR A 247 -11.50 -7.39 2.21
N PRO A 248 -11.45 -8.60 2.78
CA PRO A 248 -10.89 -9.77 2.10
C PRO A 248 -11.78 -10.14 0.91
N ASN A 249 -12.94 -9.49 0.83
CA ASN A 249 -13.87 -9.73 -0.27
C ASN A 249 -13.27 -9.02 -1.48
N VAL A 250 -12.69 -7.85 -1.25
CA VAL A 250 -12.06 -7.08 -2.31
C VAL A 250 -10.77 -7.78 -2.72
N ALA A 251 -10.18 -8.48 -1.75
CA ALA A 251 -8.95 -9.22 -2.00
C ALA A 251 -9.30 -10.46 -2.81
N ARG A 252 -10.54 -10.93 -2.64
CA ARG A 252 -11.04 -12.10 -3.34
C ARG A 252 -11.10 -11.85 -4.84
N VAL A 253 -11.58 -10.67 -5.23
CA VAL A 253 -11.69 -10.33 -6.64
C VAL A 253 -10.35 -10.48 -7.33
N ILE A 254 -9.31 -9.89 -6.73
CA ILE A 254 -7.97 -9.97 -7.28
C ILE A 254 -7.54 -11.44 -7.40
N HIS A 255 -7.87 -12.24 -6.39
CA HIS A 255 -7.54 -13.65 -6.38
C HIS A 255 -8.06 -14.39 -7.61
N GLU A 256 -9.32 -14.17 -7.94
CA GLU A 256 -9.95 -14.80 -9.09
C GLU A 256 -9.14 -14.58 -10.37
N LYS A 257 -9.03 -13.31 -10.75
CA LYS A 257 -8.32 -12.90 -11.95
C LYS A 257 -6.90 -13.44 -12.13
N ILE A 258 -6.11 -13.39 -11.06
CA ILE A 258 -4.74 -13.88 -11.15
C ILE A 258 -4.67 -15.39 -10.94
N ALA A 259 -4.42 -16.12 -12.02
CA ALA A 259 -4.32 -17.57 -11.95
C ALA A 259 -3.17 -18.01 -11.07
N GLY A 260 -3.37 -19.11 -10.34
CA GLY A 260 -2.34 -19.64 -9.47
C GLY A 260 -1.97 -18.76 -8.29
N SER A 261 -2.61 -17.60 -8.18
CA SER A 261 -2.30 -16.67 -7.09
C SER A 261 -2.80 -17.18 -5.74
N GLU A 262 -1.98 -16.99 -4.71
CA GLU A 262 -2.36 -17.40 -3.35
C GLU A 262 -3.18 -16.30 -2.70
N LEU A 263 -3.93 -16.67 -1.66
CA LEU A 263 -4.74 -15.72 -0.93
C LEU A 263 -4.69 -16.07 0.56
N HIS A 264 -4.17 -15.17 1.37
CA HIS A 264 -4.05 -15.42 2.80
C HIS A 264 -4.71 -14.32 3.61
N VAL A 265 -5.62 -14.71 4.50
CA VAL A 265 -6.32 -13.76 5.35
C VAL A 265 -5.78 -13.84 6.78
N PHE A 266 -5.37 -12.69 7.32
CA PHE A 266 -4.84 -12.65 8.67
C PHE A 266 -5.92 -12.43 9.73
N ARG A 267 -6.23 -13.48 10.47
CA ARG A 267 -7.24 -13.41 11.52
C ARG A 267 -6.76 -12.43 12.58
N ASP A 268 -7.70 -11.75 13.25
CA ASP A 268 -7.34 -10.80 14.29
C ASP A 268 -6.44 -9.69 13.74
N CYS A 269 -6.61 -9.36 12.47
CA CYS A 269 -5.80 -8.31 11.84
C CYS A 269 -6.65 -7.40 10.95
N SER A 270 -6.11 -6.23 10.63
CA SER A 270 -6.84 -5.28 9.79
C SER A 270 -6.11 -4.92 8.51
N HIS A 271 -5.81 -3.63 8.35
CA HIS A 271 -5.15 -3.11 7.15
C HIS A 271 -3.63 -3.22 7.17
N LEU A 272 -3.00 -2.55 8.14
CA LEU A 272 -1.54 -2.58 8.24
C LEU A 272 -1.11 -3.85 8.97
N THR A 273 -1.10 -4.96 8.23
CA THR A 273 -0.72 -6.26 8.77
C THR A 273 0.78 -6.36 9.04
N MET A 274 1.51 -5.31 8.68
CA MET A 274 2.96 -5.29 8.88
C MET A 274 3.34 -5.25 10.36
N TRP A 275 2.57 -4.52 11.15
CA TRP A 275 2.86 -4.38 12.57
C TRP A 275 2.00 -5.24 13.49
N GLU A 276 0.88 -5.72 12.98
CA GLU A 276 -0.02 -6.55 13.77
C GLU A 276 0.59 -7.94 13.95
N ASP A 277 1.26 -8.41 12.90
CA ASP A 277 1.93 -9.71 12.93
C ASP A 277 3.17 -9.64 12.04
N ARG A 278 4.13 -8.84 12.48
CA ARG A 278 5.38 -8.61 11.77
C ARG A 278 6.14 -9.89 11.41
N GLU A 279 6.39 -10.74 12.40
CA GLU A 279 7.11 -11.99 12.15
C GLU A 279 6.37 -12.90 11.18
N GLY A 280 5.06 -13.05 11.38
CA GLY A 280 4.26 -13.88 10.52
C GLY A 280 4.04 -13.29 9.14
N TYR A 281 3.89 -11.97 9.08
CA TYR A 281 3.69 -11.30 7.80
C TYR A 281 4.93 -11.47 6.94
N ASN A 282 6.08 -11.12 7.51
CA ASN A 282 7.35 -11.23 6.81
C ASN A 282 7.66 -12.67 6.44
N LYS A 283 7.37 -13.59 7.35
CA LYS A 283 7.61 -15.00 7.09
C LYS A 283 6.84 -15.43 5.85
N LEU A 284 5.58 -15.01 5.77
CA LEU A 284 4.73 -15.35 4.64
C LEU A 284 5.26 -14.79 3.34
N LEU A 285 5.65 -13.51 3.36
CA LEU A 285 6.17 -12.87 2.16
C LEU A 285 7.60 -13.32 1.86
N SER A 286 8.26 -13.90 2.85
CA SER A 286 9.63 -14.36 2.69
C SER A 286 9.65 -15.72 1.98
N ASP A 287 8.92 -16.68 2.54
CA ASP A 287 8.86 -18.01 1.94
C ASP A 287 8.29 -17.90 0.53
N PHE A 288 7.37 -16.97 0.33
CA PHE A 288 6.76 -16.77 -0.99
C PHE A 288 7.82 -16.42 -2.02
N ILE A 289 8.69 -15.47 -1.66
CA ILE A 289 9.76 -15.04 -2.53
C ILE A 289 10.81 -16.12 -2.76
N LEU A 290 11.18 -16.82 -1.70
CA LEU A 290 12.19 -17.88 -1.77
C LEU A 290 11.81 -19.08 -2.63
N LYS A 291 10.52 -19.42 -2.66
CA LYS A 291 10.06 -20.56 -3.45
C LYS A 291 10.01 -20.19 -4.93
N HIS A 292 9.65 -18.94 -5.22
CA HIS A 292 9.56 -18.47 -6.60
C HIS A 292 10.86 -17.78 -7.01
N LEU A 293 11.96 -18.23 -6.42
CA LEU A 293 13.27 -17.68 -6.71
C LEU A 293 13.67 -17.96 -8.16
CB PHK B . -6.18 2.76 -0.08
CG PHK B . -7.63 3.11 -0.32
CD1 PHK B . -8.62 2.56 0.48
CD2 PHK B . -7.98 3.96 -1.35
CE1 PHK B . -9.96 2.86 0.25
CE2 PHK B . -9.32 4.27 -1.60
CZ PHK B . -10.32 3.72 -0.79
O PHK B . -3.41 3.16 0.59
C1 PHK B . -3.92 2.96 2.94
CL PHK B . -2.27 2.53 3.46
C PHK B . -4.29 2.55 1.52
N PHK B . -5.79 4.49 1.64
CA PHK B . -5.71 3.03 1.34
#